data_5QQ0
#
_entry.id   5QQ0
#
_cell.length_a   57.775
_cell.length_b   57.775
_cell.length_c   395.052
_cell.angle_alpha   90.000
_cell.angle_beta   90.000
_cell.angle_gamma   120.000
#
_symmetry.space_group_name_H-M   'P 61 2 2'
#
loop_
_entity.id
_entity.type
_entity.pdbx_description
1 polymer 'Farnesyl diphosphate synthase'
2 non-polymer 'SULFATE ION'
3 non-polymer 'ACETATE ION'
4 non-polymer 'ZINC ION'
5 non-polymer 2-morpholin-4-ylaniline
6 water water
#
_entity_poly.entity_id   1
_entity_poly.type   'polypeptide(L)'
_entity_poly.pdbx_seq_one_letter_code
;GPMASMERFLSVYDEVQAFLLDQLQSKYEIDPNRARYLRIMMDTTCLGGKYFRGMTVVNVAEGFLAVTQHDEATKERILH
DACVGGWMIEFLQAHYLVEDDIMDGSVMRRGKPCWYRFPGVTTQCAINDGIILKSWTQIMAWHYFADRPFLKDLLCLFQK
VDYATAVGQMYDVTSMCDSNKLDPEVAQPMTTDFAEFTPAIYKRIVKYKTTFYTYLLPLVMGLLVSEAAASVEMNLVERV
AHLIGEYFQVQDDVMDCFTPPEQLGKVGTDIEDAKCSWLAVTFLGKANAAQVAEFKANYGEKDPAKVAVVKRLYSKANLQ
ADFAAYEAEVVREVESLIEQLKVKSPTFAESVAVVWEKTHKRKK
;
_entity_poly.pdbx_strand_id   A
#
# COMPACT_ATOMS: atom_id res chain seq x y z
N MET A 3 23.92 6.07 -14.08
CA MET A 3 22.87 4.98 -14.22
C MET A 3 21.46 5.51 -13.83
N ALA A 4 20.47 5.33 -14.72
CA ALA A 4 19.10 5.72 -14.39
C ALA A 4 18.60 4.86 -13.24
N SER A 5 17.74 5.52 -12.49
CA SER A 5 17.22 4.99 -11.25
C SER A 5 16.52 3.66 -11.36
N MET A 6 15.62 3.61 -12.33
CA MET A 6 14.87 2.36 -12.53
C MET A 6 15.74 1.19 -12.96
N GLU A 7 16.71 1.39 -13.82
CA GLU A 7 17.56 0.29 -14.23
C GLU A 7 18.39 -0.19 -13.07
N ARG A 8 18.81 0.74 -12.20
CA ARG A 8 19.47 0.37 -10.98
C ARG A 8 18.59 -0.46 -10.06
N PHE A 9 17.38 -0.03 -9.93
CA PHE A 9 16.44 -0.72 -9.08
C PHE A 9 16.13 -2.10 -9.54
N LEU A 10 15.86 -2.23 -10.84
CA LEU A 10 15.63 -3.57 -11.43
C LEU A 10 16.81 -4.47 -11.41
N SER A 11 18.05 -3.91 -11.59
CA SER A 11 19.18 -4.75 -11.39
C SER A 11 19.40 -5.26 -10.03
N VAL A 12 19.13 -4.45 -9.03
CA VAL A 12 19.27 -4.93 -7.68
C VAL A 12 18.20 -6.02 -7.38
N TYR A 13 17.04 -5.97 -8.07
CA TYR A 13 16.06 -7.08 -7.93
C TYR A 13 16.77 -8.38 -8.29
N ASP A 14 17.46 -8.40 -9.43
CA ASP A 14 18.13 -9.64 -9.83
C ASP A 14 19.18 -10.14 -8.84
N GLU A 15 19.91 -9.17 -8.26
CA GLU A 15 20.93 -9.41 -7.36
C GLU A 15 20.36 -10.00 -6.07
N VAL A 16 19.30 -9.38 -5.61
CA VAL A 16 18.67 -9.82 -4.40
C VAL A 16 18.03 -11.21 -4.55
N GLN A 17 17.37 -11.46 -5.68
CA GLN A 17 16.83 -12.78 -5.98
C GLN A 17 17.89 -13.86 -5.98
N ALA A 18 19.03 -13.58 -6.67
CA ALA A 18 20.10 -14.54 -6.72
C ALA A 18 20.66 -14.83 -5.33
N PHE A 19 20.85 -13.77 -4.51
CA PHE A 19 21.30 -13.93 -3.19
C PHE A 19 20.34 -14.87 -2.37
N LEU A 20 19.04 -14.60 -2.45
CA LEU A 20 18.07 -15.34 -1.63
C LEU A 20 18.07 -16.82 -2.08
N LEU A 21 18.00 -17.04 -3.38
CA LEU A 21 17.95 -18.43 -3.91
C LEU A 21 19.24 -19.17 -3.72
N ASP A 22 20.37 -18.49 -3.92
CA ASP A 22 21.67 -19.09 -3.62
C ASP A 22 21.82 -19.50 -2.18
N GLN A 23 21.35 -18.67 -1.24
CA GLN A 23 21.37 -18.95 0.15
C GLN A 23 20.45 -20.12 0.49
N LEU A 24 19.30 -20.22 -0.19
CA LEU A 24 18.43 -21.37 0.08
C LEU A 24 19.15 -22.63 -0.31
N GLN A 25 19.88 -22.59 -1.42
CA GLN A 25 20.68 -23.79 -1.82
C GLN A 25 21.86 -24.11 -0.87
N SER A 26 22.62 -23.13 -0.49
CA SER A 26 23.81 -23.37 0.29
C SER A 26 23.55 -23.56 1.70
N LYS A 27 22.46 -23.06 2.25
CA LYS A 27 22.24 -23.12 3.65
C LYS A 27 20.94 -23.82 4.11
N TYR A 28 19.96 -23.87 3.23
CA TYR A 28 18.61 -24.42 3.65
C TYR A 28 18.27 -25.70 2.89
N GLU A 29 19.25 -26.26 2.18
CA GLU A 29 19.18 -27.61 1.65
C GLU A 29 18.15 -27.69 0.53
N ILE A 30 17.82 -26.55 -0.09
CA ILE A 30 16.79 -26.58 -1.11
C ILE A 30 17.26 -27.29 -2.31
N ASP A 31 16.34 -27.91 -3.03
CA ASP A 31 16.57 -28.55 -4.31
C ASP A 31 16.20 -27.62 -5.41
N PRO A 32 16.71 -27.83 -6.64
CA PRO A 32 16.52 -26.91 -7.70
C PRO A 32 15.12 -26.71 -8.13
N ASN A 33 14.27 -27.73 -7.96
CA ASN A 33 12.92 -27.57 -8.37
C ASN A 33 12.07 -26.57 -7.46
N ARG A 34 12.35 -26.71 -6.20
CA ARG A 34 11.65 -25.85 -5.22
C ARG A 34 12.27 -24.44 -5.31
N ALA A 35 13.56 -24.35 -5.59
CA ALA A 35 14.09 -23.00 -5.92
C ALA A 35 13.46 -22.35 -7.09
N ARG A 36 13.22 -23.12 -8.16
CA ARG A 36 12.54 -22.61 -9.27
C ARG A 36 11.08 -22.15 -8.95
N TYR A 37 10.38 -22.98 -8.15
CA TYR A 37 9.04 -22.60 -7.70
C TYR A 37 9.13 -21.20 -6.99
N LEU A 38 10.07 -21.04 -6.09
CA LEU A 38 10.22 -19.78 -5.33
C LEU A 38 10.63 -18.62 -6.18
N ARG A 39 11.50 -18.87 -7.15
CA ARG A 39 11.82 -17.85 -8.11
C ARG A 39 10.63 -17.34 -8.86
N ILE A 40 9.85 -18.31 -9.40
CA ILE A 40 8.66 -17.93 -10.08
C ILE A 40 7.64 -17.20 -9.17
N MET A 41 7.52 -17.63 -7.95
CA MET A 41 6.59 -17.00 -6.99
C MET A 41 7.04 -15.56 -6.74
N MET A 42 8.32 -15.40 -6.57
CA MET A 42 8.87 -14.05 -6.31
C MET A 42 8.60 -13.16 -7.49
N ASP A 43 8.97 -13.59 -8.71
CA ASP A 43 8.63 -12.82 -9.86
C ASP A 43 7.18 -12.46 -10.02
N THR A 44 6.32 -13.46 -9.83
CA THR A 44 4.91 -13.25 -10.09
C THR A 44 4.26 -12.34 -9.11
N THR A 45 4.74 -12.31 -7.86
CA THR A 45 4.18 -11.51 -6.82
C THR A 45 4.84 -10.16 -6.59
N CYS A 46 6.08 -10.04 -6.98
CA CYS A 46 6.85 -8.79 -6.73
C CYS A 46 7.01 -7.88 -7.92
N LEU A 47 6.99 -8.47 -9.09
CA LEU A 47 7.14 -7.69 -10.34
C LEU A 47 5.87 -7.42 -11.07
N GLY A 48 5.95 -6.40 -11.89
CA GLY A 48 4.88 -6.01 -12.83
C GLY A 48 4.10 -4.81 -12.46
N GLY A 49 4.25 -4.31 -11.25
CA GLY A 49 3.75 -3.02 -10.89
C GLY A 49 4.58 -1.84 -11.39
N LYS A 50 4.27 -0.67 -10.83
CA LYS A 50 5.01 0.56 -11.17
C LYS A 50 6.23 0.78 -10.21
N TYR A 51 6.26 0.06 -9.11
CA TYR A 51 7.39 0.18 -8.15
C TYR A 51 7.41 1.55 -7.58
N PHE A 52 6.23 2.14 -7.45
CA PHE A 52 6.12 3.43 -6.82
C PHE A 52 6.78 3.45 -5.42
N ARG A 53 6.48 2.48 -4.58
CA ARG A 53 6.93 2.48 -3.22
C ARG A 53 8.44 2.36 -3.14
N GLY A 54 8.96 1.39 -3.82
CA GLY A 54 10.42 1.14 -3.77
C GLY A 54 11.18 2.28 -4.44
N MET A 55 10.70 2.76 -5.58
CA MET A 55 11.37 3.82 -6.24
C MET A 55 11.31 5.13 -5.45
N THR A 56 10.33 5.33 -4.56
CA THR A 56 10.33 6.49 -3.72
C THR A 56 11.59 6.48 -2.79
N VAL A 57 11.98 5.33 -2.33
CA VAL A 57 13.18 5.27 -1.42
C VAL A 57 14.41 5.79 -2.20
N VAL A 58 14.48 5.33 -3.42
CA VAL A 58 15.58 5.70 -4.36
C VAL A 58 15.51 7.16 -4.64
N ASN A 59 14.33 7.72 -4.93
CA ASN A 59 14.20 9.14 -5.23
C ASN A 59 14.57 10.05 -4.10
N VAL A 60 14.16 9.66 -2.91
CA VAL A 60 14.51 10.46 -1.72
C VAL A 60 16.05 10.41 -1.58
N ALA A 61 16.62 9.22 -1.67
CA ALA A 61 18.11 9.12 -1.56
C ALA A 61 18.83 9.94 -2.63
N GLU A 62 18.41 9.87 -3.89
CA GLU A 62 19.03 10.70 -4.96
C GLU A 62 18.91 12.17 -4.66
N GLY A 63 17.79 12.63 -4.08
CA GLY A 63 17.62 14.10 -3.67
C GLY A 63 18.75 14.47 -2.75
N PHE A 64 19.03 13.70 -1.70
CA PHE A 64 20.09 14.03 -0.79
C PHE A 64 21.45 13.93 -1.40
N LEU A 65 21.62 13.04 -2.35
CA LEU A 65 22.95 12.81 -2.93
C LEU A 65 23.34 14.05 -3.67
N ALA A 66 22.37 14.75 -4.26
CA ALA A 66 22.65 15.91 -5.07
C ALA A 66 23.17 17.10 -4.24
N VAL A 67 23.03 17.07 -2.93
CA VAL A 67 23.42 18.19 -2.09
C VAL A 67 24.43 17.83 -1.01
N THR A 68 24.90 16.59 -0.98
CA THR A 68 25.67 16.14 0.15
C THR A 68 27.02 15.66 -0.41
N GLN A 69 28.11 16.05 0.24
CA GLN A 69 29.44 15.57 -0.11
C GLN A 69 29.67 14.12 0.22
N HIS A 70 30.08 13.34 -0.77
CA HIS A 70 30.43 11.98 -0.55
C HIS A 70 31.44 11.51 -1.63
N ASP A 71 32.21 10.49 -1.32
CA ASP A 71 33.01 9.73 -2.31
C ASP A 71 32.02 9.04 -3.24
N GLU A 72 32.43 8.86 -4.47
CA GLU A 72 31.66 8.08 -5.42
C GLU A 72 31.23 6.70 -4.85
N ALA A 73 32.13 5.95 -4.19
CA ALA A 73 31.81 4.66 -3.65
C ALA A 73 30.72 4.76 -2.61
N THR A 74 30.68 5.92 -1.97
CA THR A 74 29.65 6.16 -0.92
C THR A 74 28.32 6.44 -1.61
N LYS A 75 28.33 7.21 -2.69
CA LYS A 75 27.06 7.43 -3.43
C LYS A 75 26.54 6.08 -3.92
N GLU A 76 27.41 5.26 -4.45
CA GLU A 76 26.97 3.94 -4.92
C GLU A 76 26.39 3.09 -3.82
N ARG A 77 26.99 3.09 -2.64
CA ARG A 77 26.52 2.28 -1.54
C ARG A 77 25.12 2.75 -1.07
N ILE A 78 24.94 4.06 -1.00
CA ILE A 78 23.67 4.70 -0.59
C ILE A 78 22.60 4.29 -1.59
N LEU A 79 22.93 4.38 -2.86
CA LEU A 79 21.90 4.05 -3.91
C LEU A 79 21.62 2.56 -3.85
N HIS A 80 22.61 1.73 -3.59
CA HIS A 80 22.41 0.32 -3.51
C HIS A 80 21.56 0.02 -2.26
N ASP A 81 21.84 0.71 -1.15
CA ASP A 81 21.00 0.54 0.05
C ASP A 81 19.54 1.00 -0.22
N ALA A 82 19.36 2.10 -0.92
CA ALA A 82 18.01 2.60 -1.21
C ALA A 82 17.29 1.60 -2.09
N CYS A 83 18.00 0.94 -2.96
CA CYS A 83 17.33 -0.10 -3.83
C CYS A 83 16.93 -1.32 -3.01
N VAL A 84 17.81 -1.78 -2.14
CA VAL A 84 17.51 -2.91 -1.31
C VAL A 84 16.34 -2.59 -0.41
N GLY A 85 16.42 -1.43 0.18
CA GLY A 85 15.31 -0.96 1.09
C GLY A 85 13.98 -0.87 0.30
N GLY A 86 14.00 -0.32 -0.86
CA GLY A 86 12.80 -0.18 -1.77
C GLY A 86 12.27 -1.62 -2.03
N TRP A 87 13.16 -2.59 -2.28
CA TRP A 87 12.69 -3.98 -2.46
C TRP A 87 12.09 -4.56 -1.24
N MET A 88 12.62 -4.25 -0.06
CA MET A 88 12.01 -4.74 1.18
C MET A 88 10.54 -4.23 1.16
N ILE A 89 10.27 -3.00 0.74
CA ILE A 89 8.90 -2.49 0.82
C ILE A 89 8.06 -3.20 -0.25
N GLU A 90 8.64 -3.37 -1.44
CA GLU A 90 7.90 -4.08 -2.51
C GLU A 90 7.53 -5.49 -2.10
N PHE A 91 8.43 -6.21 -1.40
CA PHE A 91 8.18 -7.55 -0.97
C PHE A 91 7.16 -7.53 0.15
N LEU A 92 7.21 -6.52 1.02
CA LEU A 92 6.19 -6.39 2.14
C LEU A 92 4.81 -6.21 1.48
N GLN A 93 4.72 -5.44 0.45
CA GLN A 93 3.47 -5.22 -0.29
C GLN A 93 3.04 -6.53 -0.86
N ALA A 94 3.95 -7.20 -1.52
CA ALA A 94 3.67 -8.57 -2.11
C ALA A 94 3.12 -9.58 -1.13
N HIS A 95 3.65 -9.62 0.09
CA HIS A 95 3.11 -10.40 1.20
C HIS A 95 1.65 -10.00 1.40
N TYR A 96 1.40 -8.74 1.61
CA TYR A 96 0.02 -8.30 1.89
C TYR A 96 -0.92 -8.51 0.72
N LEU A 97 -0.50 -8.37 -0.50
CA LEU A 97 -1.40 -8.65 -1.63
C LEU A 97 -1.70 -10.11 -1.75
N VAL A 98 -0.70 -10.96 -1.62
CA VAL A 98 -0.97 -12.41 -1.65
C VAL A 98 -1.97 -12.81 -0.58
N GLU A 99 -1.73 -12.40 0.66
CA GLU A 99 -2.61 -12.82 1.74
C GLU A 99 -4.01 -12.18 1.64
N ASP A 100 -4.05 -10.90 1.31
CA ASP A 100 -5.30 -10.19 1.12
C ASP A 100 -6.15 -10.87 0.04
N ASP A 101 -5.53 -11.22 -1.08
CA ASP A 101 -6.27 -11.85 -2.22
C ASP A 101 -6.87 -13.12 -1.77
N ILE A 102 -6.17 -13.88 -0.93
CA ILE A 102 -6.75 -15.13 -0.38
C ILE A 102 -7.84 -14.83 0.58
N MET A 103 -7.61 -13.91 1.50
CA MET A 103 -8.63 -13.49 2.47
C MET A 103 -9.94 -13.10 1.84
N ASP A 104 -9.84 -12.32 0.76
CA ASP A 104 -11.03 -11.64 0.14
C ASP A 104 -11.59 -12.52 -0.93
N GLY A 105 -10.99 -13.63 -1.25
CA GLY A 105 -11.40 -14.47 -2.35
C GLY A 105 -11.32 -13.78 -3.70
N SER A 106 -10.33 -12.94 -3.89
CA SER A 106 -10.14 -12.21 -5.10
C SER A 106 -9.75 -13.07 -6.27
N VAL A 107 -10.06 -12.56 -7.51
CA VAL A 107 -9.93 -13.35 -8.71
C VAL A 107 -8.69 -12.93 -9.52
N MET A 108 -8.60 -11.63 -9.71
CA MET A 108 -7.52 -11.04 -10.41
C MET A 108 -6.91 -9.93 -9.66
N ARG A 109 -5.72 -9.64 -10.12
CA ARG A 109 -4.99 -8.45 -9.67
C ARG A 109 -4.12 -8.03 -10.84
N ARG A 110 -4.27 -6.79 -11.33
CA ARG A 110 -3.33 -6.29 -12.39
C ARG A 110 -3.51 -7.13 -13.68
N GLY A 111 -4.74 -7.51 -14.00
CA GLY A 111 -4.97 -8.26 -15.25
C GLY A 111 -4.56 -9.72 -15.25
N LYS A 112 -4.02 -10.28 -14.13
CA LYS A 112 -3.59 -11.66 -14.04
C LYS A 112 -4.28 -12.33 -12.81
N PRO A 113 -4.34 -13.65 -12.80
CA PRO A 113 -4.96 -14.30 -11.69
C PRO A 113 -4.21 -13.99 -10.42
N CYS A 114 -4.91 -13.94 -9.33
CA CYS A 114 -4.21 -13.89 -8.03
C CYS A 114 -3.36 -15.12 -7.83
N TRP A 115 -2.25 -14.96 -7.11
CA TRP A 115 -1.29 -16.06 -6.96
C TRP A 115 -1.90 -17.40 -6.52
N TYR A 116 -2.77 -17.34 -5.53
CA TYR A 116 -3.28 -18.51 -4.99
C TYR A 116 -4.12 -19.29 -6.04
N ARG A 117 -4.55 -18.59 -7.06
CA ARG A 117 -5.41 -19.22 -8.08
C ARG A 117 -4.61 -19.89 -9.13
N PHE A 118 -3.29 -19.70 -9.12
CA PHE A 118 -2.51 -20.43 -10.12
C PHE A 118 -2.67 -21.99 -9.88
N PRO A 119 -2.72 -22.79 -10.95
CA PRO A 119 -3.09 -24.20 -10.78
C PRO A 119 -2.19 -25.02 -9.87
N GLY A 120 -0.90 -24.67 -9.89
CA GLY A 120 0.11 -25.43 -9.15
C GLY A 120 0.51 -24.71 -7.87
N VAL A 121 -0.27 -23.76 -7.44
CA VAL A 121 -0.04 -23.08 -6.17
C VAL A 121 -1.03 -23.58 -5.13
N THR A 122 -2.25 -23.11 -5.27
CA THR A 122 -3.38 -23.30 -4.39
C THR A 122 -3.23 -22.57 -3.05
N THR A 123 -4.33 -22.47 -2.32
CA THR A 123 -4.30 -21.70 -1.04
C THR A 123 -3.29 -22.34 -0.11
N GLN A 124 -3.22 -23.66 -0.04
CA GLN A 124 -2.34 -24.31 0.93
C GLN A 124 -0.95 -23.78 0.74
N CYS A 125 -0.48 -23.70 -0.45
CA CYS A 125 0.92 -23.16 -0.67
C CYS A 125 0.98 -21.64 -0.55
N ALA A 126 0.00 -20.95 -1.09
CA ALA A 126 0.07 -19.54 -1.22
C ALA A 126 0.14 -18.80 0.12
N ILE A 127 -0.60 -19.30 1.11
CA ILE A 127 -0.56 -18.68 2.48
C ILE A 127 0.94 -18.64 2.91
N ASN A 128 1.59 -19.77 2.68
CA ASN A 128 2.96 -19.90 3.19
C ASN A 128 3.86 -19.13 2.28
N ASP A 129 3.60 -19.12 0.97
CA ASP A 129 4.41 -18.29 0.06
C ASP A 129 4.40 -16.80 0.48
N GLY A 130 3.23 -16.36 0.91
CA GLY A 130 3.12 -15.03 1.39
C GLY A 130 3.91 -14.78 2.68
N ILE A 131 3.93 -15.75 3.54
CA ILE A 131 4.82 -15.74 4.77
C ILE A 131 6.28 -15.56 4.30
N ILE A 132 6.68 -16.37 3.35
CA ILE A 132 8.06 -16.32 2.93
C ILE A 132 8.37 -14.97 2.38
N LEU A 133 7.51 -14.37 1.54
CA LEU A 133 7.72 -13.03 1.03
C LEU A 133 8.12 -12.03 2.08
N LYS A 134 7.41 -12.08 3.19
CA LYS A 134 7.76 -11.13 4.27
C LYS A 134 9.06 -11.56 4.93
N SER A 135 9.29 -12.85 5.12
CA SER A 135 10.53 -13.31 5.75
C SER A 135 11.72 -12.80 4.93
N TRP A 136 11.60 -12.86 3.64
CA TRP A 136 12.64 -12.34 2.77
C TRP A 136 13.04 -10.92 3.01
N THR A 137 12.08 -10.05 3.37
CA THR A 137 12.43 -8.67 3.69
C THR A 137 13.45 -8.61 4.83
N GLN A 138 13.31 -9.47 5.83
CA GLN A 138 14.25 -9.51 6.96
C GLN A 138 15.60 -10.10 6.55
N ILE A 139 15.56 -11.14 5.68
CA ILE A 139 16.79 -11.73 5.28
C ILE A 139 17.54 -10.70 4.51
N MET A 140 16.89 -9.92 3.63
CA MET A 140 17.56 -8.84 2.92
C MET A 140 18.18 -7.86 3.88
N ALA A 141 17.40 -7.38 4.82
CA ALA A 141 17.88 -6.33 5.72
C ALA A 141 19.22 -6.78 6.49
N TRP A 142 19.16 -7.93 7.05
CA TRP A 142 20.25 -8.47 7.92
C TRP A 142 21.47 -8.75 7.07
N HIS A 143 21.29 -9.15 5.83
CA HIS A 143 22.43 -9.38 4.97
C HIS A 143 23.02 -8.06 4.47
N TYR A 144 22.27 -7.25 3.75
CA TYR A 144 22.83 -6.08 3.09
C TYR A 144 23.12 -4.97 4.07
N PHE A 145 22.41 -4.90 5.19
CA PHE A 145 22.67 -3.74 6.13
C PHE A 145 23.32 -4.15 7.44
N ALA A 146 23.91 -5.35 7.49
CA ALA A 146 24.49 -5.92 8.76
C ALA A 146 25.28 -4.94 9.60
N ASP A 147 26.12 -4.24 8.91
CA ASP A 147 26.96 -3.32 9.70
C ASP A 147 26.52 -1.82 9.64
N ARG A 148 25.34 -1.55 9.10
CA ARG A 148 25.00 -0.20 8.80
C ARG A 148 24.49 0.53 10.07
N PRO A 149 24.77 1.84 10.18
CA PRO A 149 24.35 2.53 11.38
C PRO A 149 22.87 2.69 11.53
N PHE A 150 22.15 2.58 10.44
CA PHE A 150 20.69 2.77 10.38
C PHE A 150 19.95 1.45 10.59
N LEU A 151 20.63 0.34 10.75
CA LEU A 151 20.00 -0.97 10.78
C LEU A 151 18.94 -1.04 11.85
N LYS A 152 19.27 -0.62 13.06
CA LYS A 152 18.32 -0.70 14.16
C LYS A 152 17.07 0.10 13.83
N ASP A 153 17.27 1.35 13.45
CA ASP A 153 16.15 2.25 13.18
C ASP A 153 15.30 1.75 12.04
N LEU A 154 15.96 1.21 11.02
CA LEU A 154 15.27 0.64 9.84
C LEU A 154 14.42 -0.54 10.30
N LEU A 155 15.00 -1.48 11.01
CA LEU A 155 14.23 -2.67 11.47
C LEU A 155 13.09 -2.29 12.35
N CYS A 156 13.27 -1.29 13.23
CA CYS A 156 12.23 -0.86 14.20
C CYS A 156 11.06 -0.16 13.40
N LEU A 157 11.40 0.70 12.44
CA LEU A 157 10.43 1.35 11.58
C LEU A 157 9.60 0.30 10.76
N PHE A 158 10.34 -0.68 10.19
CA PHE A 158 9.68 -1.66 9.30
C PHE A 158 8.69 -2.45 10.09
N GLN A 159 9.07 -2.80 11.30
N GLN A 159 9.03 -2.84 11.33
CA GLN A 159 8.32 -3.59 12.22
CA GLN A 159 8.13 -3.67 12.17
C GLN A 159 7.00 -2.91 12.57
C GLN A 159 6.87 -2.88 12.45
N LYS A 160 7.09 -1.63 12.85
CA LYS A 160 5.94 -0.82 13.22
C LYS A 160 5.00 -0.63 12.03
N VAL A 161 5.54 -0.44 10.81
CA VAL A 161 4.78 -0.24 9.68
C VAL A 161 4.03 -1.53 9.33
N ASP A 162 4.73 -2.66 9.42
CA ASP A 162 4.09 -3.96 9.23
C ASP A 162 2.93 -4.15 10.17
N TYR A 163 3.12 -3.92 11.44
CA TYR A 163 2.08 -4.10 12.42
C TYR A 163 0.90 -3.11 12.20
N ALA A 164 1.20 -1.86 11.88
CA ALA A 164 0.13 -0.88 11.51
C ALA A 164 -0.72 -1.47 10.37
N THR A 165 -0.05 -2.03 9.38
CA THR A 165 -0.68 -2.56 8.17
C THR A 165 -1.63 -3.68 8.54
N ALA A 166 -1.16 -4.60 9.35
CA ALA A 166 -2.00 -5.74 9.79
C ALA A 166 -3.19 -5.20 10.59
N VAL A 167 -2.96 -4.25 11.51
CA VAL A 167 -4.09 -3.62 12.18
C VAL A 167 -5.07 -2.97 11.18
N GLY A 168 -4.59 -2.29 10.19
CA GLY A 168 -5.43 -1.78 9.12
C GLY A 168 -6.22 -2.78 8.37
N GLN A 169 -5.63 -3.93 8.12
CA GLN A 169 -6.34 -5.02 7.49
C GLN A 169 -7.52 -5.44 8.35
N MET A 170 -7.28 -5.56 9.65
CA MET A 170 -8.34 -5.92 10.60
C MET A 170 -9.47 -4.89 10.59
N TYR A 171 -9.07 -3.62 10.57
CA TYR A 171 -10.10 -2.51 10.46
C TYR A 171 -10.90 -2.63 9.20
N ASP A 172 -10.26 -2.96 8.09
CA ASP A 172 -10.87 -3.11 6.78
C ASP A 172 -11.86 -4.31 6.71
N VAL A 173 -11.45 -5.47 7.11
CA VAL A 173 -12.25 -6.68 7.06
C VAL A 173 -13.42 -6.64 8.00
N THR A 174 -13.36 -5.81 9.06
CA THR A 174 -14.42 -5.71 10.03
C THR A 174 -15.22 -4.41 9.86
N SER A 175 -15.07 -3.73 8.75
CA SER A 175 -15.64 -2.41 8.59
C SER A 175 -17.15 -2.42 8.32
N MET A 176 -17.64 -3.55 7.88
CA MET A 176 -19.09 -3.69 7.65
C MET A 176 -19.81 -4.40 8.69
N CYS A 177 -19.20 -4.63 9.85
CA CYS A 177 -19.80 -5.28 11.04
C CYS A 177 -20.17 -4.11 11.93
N ASP A 178 -21.12 -4.32 12.83
CA ASP A 178 -21.26 -3.39 13.95
C ASP A 178 -20.25 -3.71 15.01
N SER A 179 -19.47 -2.71 15.45
CA SER A 179 -18.46 -2.97 16.44
C SER A 179 -18.97 -3.70 17.68
N ASN A 180 -20.16 -3.34 18.14
CA ASN A 180 -20.63 -3.90 19.40
C ASN A 180 -21.03 -5.37 19.22
N LYS A 181 -21.16 -5.82 17.98
CA LYS A 181 -21.43 -7.25 17.67
C LYS A 181 -20.23 -8.11 17.41
N LEU A 182 -18.99 -7.59 17.34
CA LEU A 182 -17.81 -8.44 17.13
C LEU A 182 -17.67 -9.42 18.24
N ASP A 183 -17.51 -10.68 17.86
CA ASP A 183 -17.48 -11.73 18.77
C ASP A 183 -17.01 -12.99 18.08
N PRO A 184 -15.85 -13.48 18.41
CA PRO A 184 -15.38 -14.71 17.78
C PRO A 184 -16.35 -15.88 17.84
N GLU A 185 -17.17 -15.93 18.86
CA GLU A 185 -18.14 -17.02 18.99
C GLU A 185 -19.36 -16.91 18.08
N VAL A 186 -19.63 -15.77 17.45
CA VAL A 186 -20.94 -15.51 16.78
C VAL A 186 -20.72 -15.00 15.38
N ALA A 187 -21.30 -15.68 14.34
CA ALA A 187 -21.13 -15.25 13.00
C ALA A 187 -21.60 -13.81 12.75
N GLN A 188 -20.80 -13.02 12.03
CA GLN A 188 -21.00 -11.57 12.07
C GLN A 188 -22.00 -11.12 11.02
N PRO A 189 -23.11 -10.46 11.47
CA PRO A 189 -24.04 -9.96 10.43
C PRO A 189 -23.49 -8.64 9.86
N MET A 190 -23.79 -8.36 8.62
CA MET A 190 -23.60 -7.01 8.02
C MET A 190 -24.37 -5.96 8.84
N THR A 191 -23.77 -4.78 9.04
CA THR A 191 -24.48 -3.63 9.57
C THR A 191 -25.77 -3.39 8.81
N THR A 192 -26.81 -2.97 9.59
CA THR A 192 -28.06 -2.53 8.94
C THR A 192 -28.19 -1.07 9.04
N ASP A 193 -27.61 -0.45 10.05
CA ASP A 193 -27.73 1.04 10.23
C ASP A 193 -26.62 1.88 9.54
N PHE A 194 -25.51 1.22 9.19
CA PHE A 194 -24.38 1.95 8.59
C PHE A 194 -23.88 3.09 9.45
N ALA A 195 -24.08 3.00 10.75
CA ALA A 195 -23.63 4.12 11.63
C ALA A 195 -22.18 4.32 11.68
N GLU A 196 -21.46 3.26 11.38
CA GLU A 196 -20.04 3.31 11.37
C GLU A 196 -19.46 3.70 10.04
N PHE A 197 -20.28 4.08 9.03
CA PHE A 197 -19.76 4.54 7.76
C PHE A 197 -19.58 6.06 7.87
N THR A 198 -18.54 6.54 8.61
CA THR A 198 -18.30 7.93 8.83
C THR A 198 -16.93 8.28 8.25
N PRO A 199 -16.70 9.58 8.02
CA PRO A 199 -15.41 10.03 7.54
C PRO A 199 -14.31 9.66 8.54
N ALA A 200 -14.54 9.80 9.81
CA ALA A 200 -13.49 9.46 10.76
C ALA A 200 -13.17 7.99 10.81
N ILE A 201 -14.18 7.13 10.60
CA ILE A 201 -13.93 5.70 10.65
C ILE A 201 -13.23 5.22 9.41
N TYR A 202 -13.69 5.75 8.30
CA TYR A 202 -13.04 5.61 7.05
C TYR A 202 -11.58 5.99 7.14
N LYS A 203 -11.29 7.16 7.66
CA LYS A 203 -9.91 7.64 7.75
C LYS A 203 -9.09 6.65 8.53
N ARG A 204 -9.65 6.11 9.60
CA ARG A 204 -8.87 5.18 10.39
C ARG A 204 -8.51 3.93 9.57
N ILE A 205 -9.49 3.38 8.83
CA ILE A 205 -9.19 2.17 8.08
C ILE A 205 -8.04 2.47 7.16
N VAL A 206 -8.15 3.56 6.38
CA VAL A 206 -7.20 3.84 5.36
C VAL A 206 -5.79 4.20 5.92
N LYS A 207 -5.77 5.00 6.98
CA LYS A 207 -4.50 5.40 7.59
C LYS A 207 -3.61 4.17 7.87
N TYR A 208 -4.22 3.16 8.48
CA TYR A 208 -3.50 1.98 8.91
C TYR A 208 -3.32 1.00 7.79
N LYS A 209 -4.34 0.76 6.97
CA LYS A 209 -4.20 -0.29 5.98
C LYS A 209 -3.27 -0.02 4.81
N THR A 210 -3.09 1.25 4.48
CA THR A 210 -2.39 1.59 3.30
C THR A 210 -1.27 2.70 3.54
N THR A 211 -1.58 3.74 4.32
CA THR A 211 -0.69 4.93 4.29
C THR A 211 0.69 4.65 4.93
N PHE A 212 0.75 3.77 5.92
CA PHE A 212 2.00 3.57 6.59
C PHE A 212 2.93 2.87 5.60
N TYR A 213 2.51 1.83 4.88
CA TYR A 213 3.45 1.10 3.98
C TYR A 213 3.63 1.76 2.64
N THR A 214 2.64 2.54 2.16
CA THR A 214 2.70 3.08 0.86
C THR A 214 3.44 4.43 0.81
N TYR A 215 3.26 5.24 1.84
CA TYR A 215 3.86 6.56 1.84
C TYR A 215 4.77 6.79 3.01
N LEU A 216 4.45 6.44 4.24
CA LEU A 216 5.32 6.75 5.34
C LEU A 216 6.66 5.99 5.24
N LEU A 217 6.56 4.69 5.03
CA LEU A 217 7.75 3.84 5.00
C LEU A 217 8.70 4.19 3.83
N PRO A 218 8.28 4.44 2.59
CA PRO A 218 9.22 4.76 1.56
C PRO A 218 9.92 6.10 1.85
N LEU A 219 9.19 7.04 2.41
CA LEU A 219 9.82 8.37 2.71
C LEU A 219 10.82 8.23 3.82
N VAL A 220 10.46 7.59 4.90
CA VAL A 220 11.30 7.50 6.06
C VAL A 220 12.49 6.56 5.76
N MET A 221 12.24 5.46 4.99
CA MET A 221 13.38 4.60 4.59
C MET A 221 14.41 5.38 3.75
N GLY A 222 13.96 6.29 2.92
CA GLY A 222 14.87 7.10 2.07
C GLY A 222 15.69 7.99 3.03
N LEU A 223 15.03 8.52 4.05
CA LEU A 223 15.77 9.32 5.06
C LEU A 223 16.78 8.45 5.76
N LEU A 224 16.44 7.23 6.16
CA LEU A 224 17.33 6.43 6.94
C LEU A 224 18.55 5.97 6.18
N VAL A 225 18.40 5.56 4.93
CA VAL A 225 19.57 5.09 4.17
C VAL A 225 20.47 6.25 3.73
N SER A 226 19.95 7.45 3.82
CA SER A 226 20.69 8.67 3.59
C SER A 226 21.28 9.24 4.86
N GLU A 227 21.02 8.67 6.03
CA GLU A 227 21.47 9.26 7.31
C GLU A 227 21.01 10.67 7.42
N ALA A 228 19.75 10.91 7.07
CA ALA A 228 19.21 12.28 6.97
C ALA A 228 17.95 12.49 7.82
N ALA A 229 17.66 11.59 8.72
CA ALA A 229 16.42 11.82 9.48
C ALA A 229 16.46 13.14 10.29
N ALA A 230 17.64 13.74 10.54
CA ALA A 230 17.69 15.17 11.10
C ALA A 230 17.37 16.35 10.16
N SER A 231 17.32 16.16 8.86
CA SER A 231 16.83 17.19 7.98
C SER A 231 15.32 17.34 7.99
N VAL A 232 14.62 16.60 8.88
CA VAL A 232 13.19 16.67 8.89
C VAL A 232 12.62 16.68 10.23
N GLU A 233 11.44 17.25 10.25
CA GLU A 233 10.60 17.17 11.41
C GLU A 233 9.66 15.95 11.19
N MET A 234 9.87 14.90 11.94
CA MET A 234 9.22 13.66 11.68
C MET A 234 7.69 13.74 11.86
N ASN A 235 7.18 14.58 12.80
CA ASN A 235 5.75 14.80 12.80
C ASN A 235 5.18 15.34 11.48
N LEU A 236 5.91 16.18 10.75
CA LEU A 236 5.43 16.63 9.48
C LEU A 236 5.45 15.55 8.41
N VAL A 237 6.49 14.70 8.45
CA VAL A 237 6.60 13.64 7.46
C VAL A 237 5.41 12.67 7.67
N GLU A 238 5.08 12.35 8.91
CA GLU A 238 3.89 11.52 9.21
C GLU A 238 2.59 12.12 8.72
N ARG A 239 2.40 13.38 9.05
CA ARG A 239 1.21 14.12 8.62
C ARG A 239 0.99 14.10 7.13
N VAL A 240 2.04 14.42 6.36
CA VAL A 240 1.90 14.48 4.91
C VAL A 240 1.72 13.09 4.32
N ALA A 241 2.40 12.10 4.92
CA ALA A 241 2.27 10.71 4.47
C ALA A 241 0.82 10.31 4.62
N HIS A 242 0.23 10.59 5.77
CA HIS A 242 -1.11 10.08 6.03
C HIS A 242 -2.10 10.79 5.12
N LEU A 243 -1.87 12.07 4.84
CA LEU A 243 -2.75 12.79 3.99
C LEU A 243 -2.69 12.37 2.55
N ILE A 244 -1.48 12.34 1.99
CA ILE A 244 -1.39 11.83 0.66
C ILE A 244 -1.94 10.40 0.48
N GLY A 245 -1.61 9.56 1.46
CA GLY A 245 -2.05 8.17 1.36
C GLY A 245 -3.56 8.04 1.40
N GLU A 246 -4.19 8.89 2.17
CA GLU A 246 -5.66 8.89 2.19
C GLU A 246 -6.22 9.23 0.85
N TYR A 247 -5.70 10.27 0.27
CA TYR A 247 -6.12 10.69 -1.09
C TYR A 247 -5.94 9.56 -2.15
N PHE A 248 -4.82 8.88 -2.07
CA PHE A 248 -4.55 7.69 -2.92
C PHE A 248 -5.68 6.66 -2.80
N GLN A 249 -6.02 6.35 -1.56
CA GLN A 249 -7.09 5.35 -1.34
C GLN A 249 -8.45 5.85 -1.85
N VAL A 250 -8.76 7.12 -1.64
CA VAL A 250 -10.01 7.68 -2.14
C VAL A 250 -10.10 7.45 -3.62
N GLN A 251 -9.05 7.82 -4.34
CA GLN A 251 -8.98 7.54 -5.77
C GLN A 251 -9.25 6.05 -6.09
N ASP A 252 -8.56 5.12 -5.40
CA ASP A 252 -8.71 3.66 -5.62
C ASP A 252 -10.22 3.29 -5.42
N ASP A 253 -10.83 3.86 -4.37
CA ASP A 253 -12.26 3.58 -4.06
C ASP A 253 -13.19 4.02 -5.17
N VAL A 254 -12.96 5.21 -5.69
CA VAL A 254 -13.77 5.66 -6.79
C VAL A 254 -13.57 4.79 -8.04
N MET A 255 -12.33 4.44 -8.31
CA MET A 255 -12.00 3.56 -9.49
C MET A 255 -12.64 2.14 -9.41
N ASP A 256 -12.67 1.58 -8.20
CA ASP A 256 -13.29 0.26 -7.96
C ASP A 256 -14.69 0.19 -8.51
N CYS A 257 -15.39 1.30 -8.33
CA CYS A 257 -16.79 1.42 -8.77
C CYS A 257 -16.86 1.80 -10.24
N PHE A 258 -16.16 2.86 -10.64
CA PHE A 258 -16.42 3.50 -11.97
C PHE A 258 -15.42 3.18 -13.09
N THR A 259 -14.20 2.71 -12.81
CA THR A 259 -13.21 2.40 -13.86
C THR A 259 -13.54 1.04 -14.49
N PRO A 260 -13.59 0.97 -15.87
CA PRO A 260 -13.84 -0.31 -16.56
C PRO A 260 -12.91 -1.43 -16.11
N PRO A 261 -13.46 -2.64 -15.89
CA PRO A 261 -12.63 -3.76 -15.37
C PRO A 261 -11.29 -3.99 -16.14
N GLU A 262 -11.30 -3.99 -17.49
CA GLU A 262 -10.06 -4.26 -18.26
C GLU A 262 -8.94 -3.22 -17.99
N GLN A 263 -9.33 -1.97 -17.71
CA GLN A 263 -8.37 -0.93 -17.30
C GLN A 263 -8.14 -0.89 -15.81
N LEU A 264 -9.15 -1.22 -15.01
CA LEU A 264 -8.92 -1.43 -13.56
C LEU A 264 -7.99 -2.65 -13.24
N GLY A 265 -7.97 -3.68 -14.10
CA GLY A 265 -7.11 -4.86 -13.89
C GLY A 265 -7.82 -5.99 -13.08
N LYS A 266 -9.15 -5.84 -12.91
CA LYS A 266 -9.90 -6.30 -11.72
C LYS A 266 -11.42 -6.02 -12.06
N VAL A 267 -12.33 -6.98 -11.74
CA VAL A 267 -13.76 -6.65 -11.56
C VAL A 267 -13.84 -6.10 -10.13
N GLY A 268 -14.29 -4.85 -9.98
CA GLY A 268 -14.44 -4.21 -8.67
C GLY A 268 -15.62 -4.85 -7.93
N THR A 269 -15.46 -5.20 -6.64
CA THR A 269 -16.59 -5.75 -5.89
C THR A 269 -16.84 -5.03 -4.53
N ASP A 270 -16.37 -3.78 -4.39
CA ASP A 270 -16.59 -3.04 -3.07
C ASP A 270 -18.03 -2.98 -2.61
N ILE A 271 -18.92 -2.81 -3.57
CA ILE A 271 -20.35 -2.72 -3.26
C ILE A 271 -20.90 -4.06 -2.74
N GLU A 272 -20.65 -5.12 -3.49
CA GLU A 272 -21.04 -6.48 -3.03
C GLU A 272 -20.40 -6.87 -1.76
N ASP A 273 -19.12 -6.46 -1.59
CA ASP A 273 -18.43 -6.77 -0.34
C ASP A 273 -18.79 -5.87 0.82
N ALA A 274 -19.66 -4.85 0.60
CA ALA A 274 -20.18 -3.94 1.62
C ALA A 274 -19.02 -3.13 2.26
N LYS A 275 -18.07 -2.79 1.42
CA LYS A 275 -16.89 -2.10 1.95
C LYS A 275 -17.24 -0.67 2.39
N CYS A 276 -16.53 -0.21 3.43
CA CYS A 276 -16.66 1.13 3.86
C CYS A 276 -15.77 1.95 2.89
N SER A 277 -16.28 2.28 1.70
CA SER A 277 -15.54 2.99 0.70
C SER A 277 -15.82 4.49 0.83
N TRP A 278 -15.00 5.30 0.15
CA TRP A 278 -15.22 6.71 0.22
C TRP A 278 -16.63 7.06 -0.41
N LEU A 279 -17.00 6.32 -1.45
CA LEU A 279 -18.30 6.49 -2.14
C LEU A 279 -19.45 6.24 -1.21
N ALA A 280 -19.41 5.17 -0.44
CA ALA A 280 -20.49 4.89 0.50
C ALA A 280 -20.61 5.93 1.63
N VAL A 281 -19.47 6.27 2.20
CA VAL A 281 -19.45 7.21 3.26
C VAL A 281 -19.96 8.61 2.81
N THR A 282 -19.42 9.09 1.70
CA THR A 282 -19.79 10.38 1.09
C THR A 282 -21.27 10.40 0.69
N PHE A 283 -21.74 9.32 0.09
CA PHE A 283 -23.14 9.19 -0.28
C PHE A 283 -24.02 9.29 0.98
N LEU A 284 -23.63 8.60 2.05
CA LEU A 284 -24.44 8.63 3.25
C LEU A 284 -24.43 9.99 3.93
N GLY A 285 -23.33 10.73 3.72
CA GLY A 285 -23.15 12.06 4.26
C GLY A 285 -23.98 13.16 3.57
N LYS A 286 -24.64 12.83 2.45
CA LYS A 286 -25.46 13.82 1.70
C LYS A 286 -26.87 13.32 1.35
N ALA A 287 -27.13 12.05 1.58
CA ALA A 287 -28.36 11.42 1.12
C ALA A 287 -29.56 11.85 1.92
N ASN A 288 -30.76 11.79 1.31
CA ASN A 288 -31.99 11.99 2.10
C ASN A 288 -32.50 10.66 2.62
N ALA A 289 -33.63 10.67 3.33
CA ALA A 289 -34.10 9.50 4.00
C ALA A 289 -34.39 8.38 3.00
N ALA A 290 -35.04 8.75 1.92
CA ALA A 290 -35.37 7.78 0.88
C ALA A 290 -34.15 7.12 0.23
N GLN A 291 -33.14 7.95 -0.05
CA GLN A 291 -31.85 7.48 -0.62
C GLN A 291 -31.11 6.52 0.36
N VAL A 292 -31.11 6.87 1.63
CA VAL A 292 -30.50 6.05 2.64
C VAL A 292 -31.23 4.72 2.67
N ALA A 293 -32.56 4.72 2.61
CA ALA A 293 -33.25 3.45 2.67
C ALA A 293 -33.04 2.56 1.42
N GLU A 294 -32.93 3.20 0.28
CA GLU A 294 -32.68 2.48 -0.93
C GLU A 294 -31.24 1.92 -0.93
N PHE A 295 -30.29 2.69 -0.36
CA PHE A 295 -28.96 2.23 -0.28
C PHE A 295 -28.95 0.97 0.61
N LYS A 296 -29.59 1.06 1.76
CA LYS A 296 -29.59 -0.06 2.73
C LYS A 296 -30.18 -1.32 2.11
N ALA A 297 -31.21 -1.15 1.29
CA ALA A 297 -31.86 -2.35 0.76
C ALA A 297 -31.04 -3.03 -0.35
N ASN A 298 -30.00 -2.39 -0.86
CA ASN A 298 -29.27 -2.92 -2.01
C ASN A 298 -27.76 -3.18 -1.77
N TYR A 299 -27.18 -2.54 -0.72
CA TYR A 299 -25.72 -2.60 -0.55
C TYR A 299 -25.35 -3.97 0.02
N GLY A 300 -24.18 -4.43 -0.42
CA GLY A 300 -23.54 -5.61 0.16
C GLY A 300 -24.23 -6.90 -0.27
N GLU A 301 -24.77 -6.92 -1.49
CA GLU A 301 -25.49 -8.03 -2.10
C GLU A 301 -24.83 -8.32 -3.44
N LYS A 302 -24.71 -9.60 -3.74
CA LYS A 302 -24.07 -10.01 -4.97
C LYS A 302 -24.93 -9.77 -6.21
N ASP A 303 -26.26 -9.79 -6.04
CA ASP A 303 -27.23 -9.62 -7.14
C ASP A 303 -26.86 -8.38 -7.97
N PRO A 304 -26.52 -8.55 -9.27
CA PRO A 304 -26.18 -7.43 -10.13
C PRO A 304 -27.18 -6.37 -10.27
N ALA A 305 -28.45 -6.70 -10.19
CA ALA A 305 -29.49 -5.65 -10.20
C ALA A 305 -29.32 -4.67 -9.04
N LYS A 306 -28.96 -5.22 -7.87
CA LYS A 306 -28.81 -4.39 -6.65
C LYS A 306 -27.51 -3.56 -6.66
N VAL A 307 -26.42 -4.18 -7.12
CA VAL A 307 -25.20 -3.44 -7.32
C VAL A 307 -25.48 -2.32 -8.31
N ALA A 308 -26.29 -2.53 -9.35
CA ALA A 308 -26.51 -1.41 -10.30
C ALA A 308 -27.41 -0.34 -9.69
N VAL A 309 -28.30 -0.70 -8.76
CA VAL A 309 -29.06 0.29 -7.99
C VAL A 309 -28.13 1.21 -7.12
N VAL A 310 -27.13 0.61 -6.48
CA VAL A 310 -26.14 1.39 -5.70
C VAL A 310 -25.34 2.32 -6.64
N LYS A 311 -24.90 1.83 -7.82
CA LYS A 311 -24.14 2.64 -8.80
C LYS A 311 -24.99 3.78 -9.33
N ARG A 312 -26.25 3.46 -9.54
CA ARG A 312 -27.25 4.48 -9.91
C ARG A 312 -27.31 5.51 -8.82
N LEU A 313 -27.45 5.09 -7.57
CA LEU A 313 -27.56 6.08 -6.50
C LEU A 313 -26.29 7.01 -6.45
N TYR A 314 -25.12 6.42 -6.61
CA TYR A 314 -23.89 7.19 -6.49
C TYR A 314 -23.82 8.20 -7.65
N SER A 315 -24.25 7.77 -8.85
CA SER A 315 -24.22 8.62 -10.07
C SER A 315 -25.15 9.81 -9.85
N LYS A 316 -26.38 9.56 -9.44
CA LYS A 316 -27.33 10.65 -9.22
C LYS A 316 -26.95 11.60 -8.09
N ALA A 317 -26.15 11.15 -7.11
CA ALA A 317 -25.82 11.95 -5.93
C ALA A 317 -24.67 12.97 -6.15
N ASN A 318 -24.11 12.98 -7.34
CA ASN A 318 -23.17 14.03 -7.74
C ASN A 318 -21.93 13.99 -6.80
N LEU A 319 -21.39 12.80 -6.64
CA LEU A 319 -20.24 12.56 -5.81
C LEU A 319 -18.98 13.17 -6.40
N GLN A 320 -19.04 13.52 -7.69
CA GLN A 320 -17.94 14.30 -8.35
C GLN A 320 -17.71 15.60 -7.66
N ALA A 321 -18.79 16.24 -7.22
CA ALA A 321 -18.68 17.51 -6.49
C ALA A 321 -17.97 17.31 -5.18
N ASP A 322 -18.34 16.26 -4.44
CA ASP A 322 -17.74 16.10 -3.11
C ASP A 322 -16.27 15.76 -3.32
N PHE A 323 -15.96 15.04 -4.42
CA PHE A 323 -14.60 14.63 -4.73
C PHE A 323 -13.69 15.83 -5.12
N ALA A 324 -14.16 16.66 -6.05
CA ALA A 324 -13.47 17.96 -6.29
C ALA A 324 -13.23 18.75 -5.01
N ALA A 325 -14.23 18.86 -4.14
CA ALA A 325 -14.03 19.56 -2.83
C ALA A 325 -13.01 18.90 -1.94
N TYR A 326 -13.00 17.59 -1.96
CA TYR A 326 -12.03 16.87 -1.13
C TYR A 326 -10.61 17.12 -1.67
N GLU A 327 -10.48 16.96 -2.98
CA GLU A 327 -9.25 17.14 -3.73
C GLU A 327 -8.68 18.50 -3.51
N ALA A 328 -9.53 19.52 -3.58
CA ALA A 328 -9.06 20.90 -3.29
C ALA A 328 -8.51 21.13 -1.88
N GLU A 329 -9.17 20.61 -0.87
CA GLU A 329 -8.68 20.66 0.47
C GLU A 329 -7.35 19.87 0.65
N VAL A 330 -7.27 18.69 0.04
CA VAL A 330 -6.05 17.88 0.12
C VAL A 330 -4.93 18.69 -0.55
N VAL A 331 -5.17 19.26 -1.70
CA VAL A 331 -4.14 20.19 -2.33
C VAL A 331 -3.68 21.31 -1.43
N ARG A 332 -4.61 22.01 -0.77
CA ARG A 332 -4.23 22.98 0.27
C ARG A 332 -3.34 22.45 1.32
N GLU A 333 -3.70 21.29 1.89
CA GLU A 333 -3.03 20.87 3.11
C GLU A 333 -1.64 20.30 2.75
N VAL A 334 -1.62 19.61 1.62
CA VAL A 334 -0.31 19.01 1.19
C VAL A 334 0.64 20.15 0.82
N GLU A 335 0.20 21.15 0.08
CA GLU A 335 1.02 22.38 -0.14
C GLU A 335 1.49 23.01 1.21
N SER A 336 0.63 23.08 2.23
CA SER A 336 1.00 23.69 3.49
C SER A 336 2.11 22.88 4.17
N LEU A 337 1.90 21.55 4.12
CA LEU A 337 2.90 20.65 4.72
C LEU A 337 4.24 20.68 3.99
N ILE A 338 4.23 20.75 2.69
CA ILE A 338 5.48 20.84 1.94
C ILE A 338 6.21 22.11 2.36
N GLU A 339 5.45 23.19 2.54
CA GLU A 339 6.09 24.38 2.95
C GLU A 339 6.70 24.30 4.35
N GLN A 340 6.02 23.71 5.31
CA GLN A 340 6.55 23.54 6.62
C GLN A 340 7.88 22.68 6.48
N LEU A 341 7.88 21.72 5.55
CA LEU A 341 9.04 20.75 5.30
C LEU A 341 10.29 21.47 4.81
N LYS A 342 10.10 22.57 4.09
CA LYS A 342 11.27 23.48 3.67
C LYS A 342 12.02 24.20 4.75
N VAL A 343 11.42 24.39 5.91
CA VAL A 343 12.11 25.08 7.01
C VAL A 343 13.38 24.26 7.31
N LYS A 344 13.20 22.95 7.49
CA LYS A 344 14.38 22.06 7.66
C LYS A 344 15.00 21.47 6.38
N SER A 345 14.27 21.10 5.33
CA SER A 345 14.90 20.51 4.10
C SER A 345 14.21 20.78 2.82
N PRO A 346 14.69 21.78 2.09
CA PRO A 346 14.23 21.94 0.73
C PRO A 346 14.19 20.69 -0.12
N THR A 347 15.30 19.95 -0.08
CA THR A 347 15.47 18.72 -0.81
C THR A 347 14.38 17.72 -0.48
N PHE A 348 14.20 17.47 0.83
CA PHE A 348 13.20 16.46 1.25
C PHE A 348 11.80 16.95 0.83
N ALA A 349 11.57 18.24 1.05
CA ALA A 349 10.25 18.83 0.59
C ALA A 349 10.01 18.62 -0.89
N GLU A 350 11.05 18.78 -1.72
CA GLU A 350 10.91 18.48 -3.13
C GLU A 350 10.59 17.04 -3.47
N SER A 351 11.20 16.07 -2.76
CA SER A 351 10.83 14.68 -2.98
C SER A 351 9.35 14.39 -2.66
N VAL A 352 8.87 15.01 -1.58
CA VAL A 352 7.42 14.92 -1.16
C VAL A 352 6.56 15.56 -2.21
N ALA A 353 7.02 16.70 -2.75
CA ALA A 353 6.33 17.26 -3.96
C ALA A 353 6.24 16.33 -5.11
N VAL A 354 7.27 15.55 -5.40
CA VAL A 354 7.21 14.68 -6.54
C VAL A 354 6.27 13.47 -6.23
N VAL A 355 6.32 12.98 -5.00
CA VAL A 355 5.39 11.93 -4.49
C VAL A 355 3.93 12.37 -4.66
N TRP A 356 3.68 13.61 -4.26
CA TRP A 356 2.35 14.19 -4.45
C TRP A 356 1.97 14.31 -5.88
N GLU A 357 2.85 14.81 -6.77
CA GLU A 357 2.47 14.90 -8.21
C GLU A 357 2.21 13.59 -8.81
N LYS A 358 2.95 12.56 -8.44
CA LYS A 358 2.71 11.27 -9.03
C LYS A 358 1.41 10.64 -8.59
N THR A 359 0.96 10.99 -7.40
CA THR A 359 -0.30 10.55 -6.88
C THR A 359 -1.49 11.30 -7.49
N HIS A 360 -1.40 12.63 -7.41
CA HIS A 360 -2.48 13.56 -7.86
C HIS A 360 -2.79 13.41 -9.35
N LYS A 361 -1.79 13.16 -10.19
CA LYS A 361 -2.00 13.04 -11.66
C LYS A 361 -2.50 11.66 -12.16
N ARG A 362 -1.91 10.53 -11.70
CA ARG A 362 -2.24 9.15 -12.20
C ARG A 362 -3.71 8.90 -12.66
#